data_3TXV
#
_entry.id   3TXV
#
_cell.length_a   140.005
_cell.length_b   140.005
_cell.length_c   97.356
_cell.angle_alpha   90.00
_cell.angle_beta   90.00
_cell.angle_gamma   120.00
#
_symmetry.space_group_name_H-M   'P 63 2 2'
#
loop_
_entity.id
_entity.type
_entity.pdbx_description
1 polymer 'Probable tagatose 6-phosphate kinase'
2 water water
#
_entity_poly.entity_id   1
_entity_poly.type   'polypeptide(L)'
_entity_poly.pdbx_seq_one_letter_code
;(MSE)V(MSE)QENHLIDIARWSERPGPRGIPSICSAHPLVIEAA(MSE)LRAHREKAPVLIEATCNQVNQDGGYTG
(MSE)TPEDFTRFVGAIADRIEFPREKILLGGDHLGPNPWKHLPADEA(MSE)AKAEA(MSE)ITAYAKAGFTKLHLDTS
(MSE)GCAGEPTALPDATTAARAARLAAVAEDAVGGRGGVLPVYIIGTEVPIPGGALEELDTLEVTAPEAAIETVRVHRA
AFEEAGAAGAFSRVVGAVVQPGVEFGNENVIAYDRARAEKLSATLGQLHG(MSE)VFEAHSTDYQTPDALRELVADGFAI
LKVGPGLTFALREALYGLDQIAAFLFPAARERTLAEVTEAV(MSE)REEPANWAKYYHGSAEEQRLQRHFSYSDRIRYYW
PHPKAAAAVDEL(MSE)SLLDGVAIPETLISQFLAGSYARVRNGEVAPQAKPLALAAVDAVLQDYFAACRVAENLYFQSH
HHHHHWSHPQFEK
;
_entity_poly.pdbx_strand_id   A
#
# COMPACT_ATOMS: atom_id res chain seq x y z
N ARG A 21 -11.99 -0.41 17.35
CA ARG A 21 -10.69 -0.32 16.64
C ARG A 21 -10.54 -1.24 15.36
N GLY A 22 -9.73 -0.73 14.42
CA GLY A 22 -9.22 -1.48 13.28
C GLY A 22 -7.81 -0.96 13.08
N ILE A 23 -7.12 -1.44 12.07
CA ILE A 23 -5.77 -0.93 11.79
C ILE A 23 -5.61 -0.55 10.32
N PRO A 24 -5.05 0.67 10.07
CA PRO A 24 -4.72 1.11 8.71
C PRO A 24 -3.45 0.45 8.24
N SER A 25 -3.45 0.02 6.98
CA SER A 25 -2.30 -0.66 6.42
C SER A 25 -1.64 0.21 5.37
N ILE A 26 -0.38 0.56 5.57
CA ILE A 26 0.28 1.45 4.64
C ILE A 26 1.20 0.64 3.75
N CYS A 27 0.81 0.43 2.48
CA CYS A 27 1.74 -0.14 1.50
C CYS A 27 2.17 0.92 0.55
N SER A 28 3.06 1.76 1.03
CA SER A 28 3.80 2.58 0.13
C SER A 28 5.28 2.35 0.43
N ALA A 29 6.09 2.57 -0.58
CA ALA A 29 7.51 2.39 -0.49
C ALA A 29 8.14 3.74 -0.23
N HIS A 30 7.34 4.81 -0.37
CA HIS A 30 7.89 6.16 -0.44
C HIS A 30 8.31 6.66 0.94
N PRO A 31 9.61 7.02 1.09
CA PRO A 31 10.19 7.58 2.34
C PRO A 31 9.32 8.65 3.00
N LEU A 32 8.79 9.62 2.24
CA LEU A 32 7.95 10.64 2.84
C LEU A 32 6.59 10.13 3.27
N VAL A 33 6.02 9.16 2.56
CA VAL A 33 4.78 8.56 3.04
C VAL A 33 5.06 7.77 4.35
N ILE A 34 6.16 7.05 4.42
CA ILE A 34 6.43 6.34 5.63
C ILE A 34 6.58 7.32 6.83
N GLU A 35 7.47 8.31 6.67
CA GLU A 35 7.69 9.39 7.64
C GLU A 35 6.36 9.97 8.07
N ALA A 36 5.50 10.24 7.09
CA ALA A 36 4.18 10.81 7.36
C ALA A 36 3.25 9.85 8.09
N ALA A 37 3.30 8.58 7.71
CA ALA A 37 2.53 7.56 8.39
C ALA A 37 2.98 7.46 9.80
N LEU A 39 4.51 9.80 11.73
CA LEU A 39 4.11 11.02 12.43
C LEU A 39 2.64 11.02 12.88
N ARG A 40 1.75 10.48 12.07
CA ARG A 40 0.36 10.44 12.46
C ARG A 40 0.14 9.40 13.57
N ALA A 41 0.67 8.19 13.38
CA ALA A 41 0.63 7.19 14.44
C ALA A 41 1.11 7.78 15.78
N HIS A 42 2.17 8.56 15.76
CA HIS A 42 2.67 9.12 16.97
C HIS A 42 1.60 9.95 17.61
N ARG A 43 0.83 10.65 16.82
CA ARG A 43 -0.24 11.46 17.34
C ARG A 43 -1.21 10.56 18.05
N GLU A 44 -1.40 9.37 17.52
CA GLU A 44 -2.64 8.63 17.63
C GLU A 44 -2.97 7.66 18.75
N LYS A 45 -2.15 7.32 19.73
CA LYS A 45 -0.71 7.45 19.86
C LYS A 45 -0.14 6.11 19.48
N ALA A 46 -1.01 5.29 18.90
CA ALA A 46 -0.80 3.89 18.59
C ALA A 46 0.12 3.56 17.41
N PRO A 47 0.31 2.27 17.15
CA PRO A 47 1.41 1.79 16.27
C PRO A 47 1.10 1.97 14.78
N VAL A 48 2.12 1.75 13.95
CA VAL A 48 2.00 1.92 12.51
C VAL A 48 2.30 0.63 11.76
N LEU A 49 1.33 0.21 10.95
CA LEU A 49 1.51 -0.99 10.13
C LEU A 49 2.12 -0.62 8.77
N ILE A 50 3.34 -1.04 8.53
CA ILE A 50 3.91 -0.84 7.19
C ILE A 50 4.17 -2.16 6.43
N GLU A 51 3.66 -2.21 5.20
CA GLU A 51 3.63 -3.45 4.41
C GLU A 51 4.47 -3.33 3.14
N ALA A 52 5.06 -4.44 2.71
CA ALA A 52 5.74 -4.54 1.42
C ALA A 52 5.16 -5.75 0.67
N THR A 53 5.23 -5.79 -0.67
CA THR A 53 4.69 -6.94 -1.45
C THR A 53 5.78 -7.86 -1.98
N CYS A 54 5.45 -9.14 -2.13
CA CYS A 54 6.35 -10.16 -2.67
C CYS A 54 7.26 -9.61 -3.73
N ASN A 55 6.64 -9.10 -4.79
CA ASN A 55 7.29 -8.41 -5.93
C ASN A 55 8.22 -7.27 -5.58
N GLN A 56 7.76 -6.41 -4.67
CA GLN A 56 8.48 -5.22 -4.28
C GLN A 56 9.79 -5.60 -3.59
N VAL A 57 9.77 -6.58 -2.69
CA VAL A 57 10.93 -6.92 -1.88
C VAL A 57 11.03 -8.40 -1.56
N ASN A 58 12.15 -9.02 -1.94
CA ASN A 58 12.38 -10.44 -1.68
C ASN A 58 13.87 -10.73 -1.73
N GLN A 59 14.26 -11.96 -1.43
CA GLN A 59 15.68 -12.34 -1.36
C GLN A 59 16.47 -11.90 -2.55
N ASP A 60 15.83 -11.90 -3.72
CA ASP A 60 16.47 -11.60 -5.02
C ASP A 60 16.55 -10.11 -5.31
N GLY A 61 15.94 -9.31 -4.44
CA GLY A 61 15.95 -7.85 -4.54
C GLY A 61 14.61 -7.25 -4.95
N GLY A 62 13.76 -8.08 -5.56
CA GLY A 62 12.48 -7.63 -6.10
C GLY A 62 12.72 -6.67 -7.26
N TYR A 63 11.86 -5.68 -7.42
CA TYR A 63 12.14 -4.60 -8.37
C TYR A 63 12.73 -3.36 -7.65
N THR A 64 12.95 -3.42 -6.35
CA THR A 64 13.56 -2.27 -5.70
C THR A 64 15.03 -2.45 -5.30
N GLY A 65 15.56 -3.68 -5.37
CA GLY A 65 16.93 -3.94 -4.87
C GLY A 65 16.96 -4.14 -3.36
N THR A 67 16.10 -6.53 -0.17
CA THR A 67 15.75 -7.78 0.46
C THR A 67 14.94 -7.39 1.68
N PRO A 68 14.20 -8.34 2.28
CA PRO A 68 13.40 -8.00 3.46
C PRO A 68 14.22 -7.35 4.60
N GLU A 69 15.53 -7.61 4.60
CA GLU A 69 16.44 -7.00 5.56
C GLU A 69 16.67 -5.54 5.17
N ASP A 70 16.94 -5.30 3.89
CA ASP A 70 17.13 -3.92 3.40
C ASP A 70 15.95 -3.04 3.85
N PHE A 71 14.75 -3.54 3.60
CA PHE A 71 13.53 -2.83 3.93
C PHE A 71 13.45 -2.52 5.41
N THR A 72 13.91 -3.47 6.21
CA THR A 72 13.78 -3.37 7.63
C THR A 72 14.65 -2.28 8.24
N ARG A 73 15.67 -1.87 7.51
CA ARG A 73 16.60 -0.90 8.02
C ARG A 73 16.32 0.44 7.34
N PHE A 74 15.92 0.38 6.08
CA PHE A 74 15.30 1.51 5.38
C PHE A 74 14.22 2.19 6.24
N VAL A 75 13.16 1.45 6.58
CA VAL A 75 12.14 1.94 7.48
C VAL A 75 12.74 2.40 8.86
N GLY A 76 13.71 1.66 9.38
CA GLY A 76 14.32 2.09 10.63
C GLY A 76 15.06 3.44 10.58
N ALA A 77 15.64 3.74 9.43
CA ALA A 77 16.42 4.95 9.24
C ALA A 77 15.52 6.20 9.40
N ILE A 78 14.34 6.12 8.79
CA ILE A 78 13.29 7.11 8.83
C ILE A 78 12.87 7.34 10.30
N ALA A 79 12.63 6.25 11.01
CA ALA A 79 12.15 6.29 12.38
C ALA A 79 13.09 7.11 13.21
N ASP A 80 14.37 6.86 13.03
CA ASP A 80 15.38 7.57 13.78
C ASP A 80 15.31 9.06 13.45
N ARG A 81 15.50 9.40 12.17
CA ARG A 81 15.48 10.80 11.74
C ARG A 81 14.43 11.66 12.52
N ILE A 82 13.35 11.00 12.97
CA ILE A 82 12.18 11.67 13.57
C ILE A 82 11.85 11.18 14.99
N GLU A 83 12.82 10.54 15.65
CA GLU A 83 12.62 9.99 17.01
C GLU A 83 11.31 9.18 17.12
N PHE A 84 11.17 8.15 16.30
CA PHE A 84 10.03 7.27 16.40
C PHE A 84 10.50 5.89 16.79
N PRO A 85 9.92 5.33 17.84
CA PRO A 85 10.34 4.01 18.31
C PRO A 85 10.00 2.80 17.46
N ARG A 86 11.03 2.01 17.22
CA ARG A 86 10.98 0.82 16.42
C ARG A 86 10.05 -0.16 17.02
N GLU A 87 9.81 0.04 18.28
CA GLU A 87 8.93 -0.80 19.01
C GLU A 87 7.58 -0.66 18.41
N LYS A 88 7.26 0.53 17.97
CA LYS A 88 5.93 0.82 17.49
C LYS A 88 5.72 0.55 16.01
N ILE A 89 6.76 0.13 15.33
CA ILE A 89 6.69 -0.16 13.94
C ILE A 89 6.34 -1.57 13.69
N LEU A 90 5.31 -1.78 12.92
CA LEU A 90 4.86 -3.13 12.62
C LEU A 90 5.08 -3.45 11.15
N LEU A 91 5.78 -4.52 10.84
CA LEU A 91 6.09 -4.77 9.44
C LEU A 91 5.29 -5.89 8.80
N GLY A 92 4.51 -5.56 7.77
CA GLY A 92 3.76 -6.54 7.00
C GLY A 92 4.43 -7.03 5.72
N GLY A 93 3.97 -8.17 5.22
CA GLY A 93 4.37 -8.72 3.93
C GLY A 93 3.08 -8.99 3.21
N ASP A 94 2.97 -8.44 2.01
CA ASP A 94 1.72 -8.48 1.25
C ASP A 94 1.85 -9.36 0.02
N HIS A 95 0.81 -10.14 -0.21
CA HIS A 95 0.81 -11.12 -1.30
C HIS A 95 2.12 -11.91 -1.34
N LEU A 96 2.39 -12.71 -0.31
CA LEU A 96 3.59 -13.56 -0.33
C LEU A 96 3.25 -14.91 -0.91
N GLY A 97 4.16 -15.44 -1.71
CA GLY A 97 3.89 -16.67 -2.45
C GLY A 97 4.64 -16.72 -3.76
N PRO A 98 4.16 -17.55 -4.71
CA PRO A 98 4.82 -17.79 -6.01
C PRO A 98 4.76 -16.64 -7.01
N ASN A 99 3.95 -15.62 -6.75
CA ASN A 99 3.74 -14.55 -7.75
C ASN A 99 4.96 -14.00 -8.49
N PRO A 100 6.05 -13.67 -7.79
CA PRO A 100 7.13 -13.04 -8.57
C PRO A 100 7.89 -14.02 -9.46
N TRP A 101 7.47 -15.28 -9.44
CA TRP A 101 8.18 -16.32 -10.17
C TRP A 101 7.19 -17.21 -10.82
N LYS A 102 6.00 -16.66 -11.08
CA LYS A 102 4.90 -17.45 -11.57
C LYS A 102 5.06 -17.90 -13.04
N HIS A 103 5.96 -17.26 -13.74
CA HIS A 103 6.30 -17.73 -15.09
C HIS A 103 7.04 -19.07 -15.04
N LEU A 104 7.63 -19.39 -13.88
CA LEU A 104 8.35 -20.68 -13.70
C LEU A 104 7.45 -21.87 -13.36
N PRO A 105 7.98 -23.10 -13.51
CA PRO A 105 7.20 -24.27 -13.09
C PRO A 105 7.04 -24.32 -11.57
N ALA A 106 5.88 -24.82 -11.13
CA ALA A 106 5.40 -24.76 -9.76
C ALA A 106 6.38 -25.21 -8.69
N ASP A 107 7.06 -26.34 -8.87
CA ASP A 107 7.91 -26.77 -7.79
C ASP A 107 9.05 -25.76 -7.55
N GLU A 108 9.49 -25.09 -8.60
CA GLU A 108 10.56 -24.10 -8.52
C GLU A 108 10.00 -22.79 -8.01
N ALA A 109 8.82 -22.42 -8.54
CA ALA A 109 8.13 -21.22 -8.11
C ALA A 109 7.89 -21.25 -6.60
N ALA A 111 9.54 -23.07 -4.53
CA ALA A 111 10.86 -23.14 -3.84
C ALA A 111 11.28 -21.77 -3.37
N LYS A 112 11.03 -20.79 -4.23
CA LYS A 112 11.44 -19.42 -4.02
C LYS A 112 10.45 -18.74 -3.10
N ALA A 113 9.20 -19.10 -3.21
CA ALA A 113 8.23 -18.65 -2.23
C ALA A 113 8.80 -19.03 -0.86
N GLU A 114 9.43 -20.20 -0.78
CA GLU A 114 9.93 -20.72 0.48
C GLU A 114 11.13 -20.01 1.02
N ALA A 115 12.13 -19.74 0.19
CA ALA A 115 13.31 -18.95 0.60
C ALA A 115 12.89 -17.55 1.03
N ILE A 117 9.76 -16.50 2.19
CA ILE A 117 9.02 -16.50 3.43
C ILE A 117 10.00 -16.48 4.62
N THR A 118 11.08 -17.29 4.55
CA THR A 118 12.10 -17.31 5.63
C THR A 118 12.78 -15.96 5.81
N ALA A 119 13.18 -15.35 4.70
CA ALA A 119 13.86 -14.05 4.72
C ALA A 119 12.98 -13.04 5.46
N TYR A 120 11.70 -12.99 5.12
CA TYR A 120 10.75 -12.16 5.86
C TYR A 120 10.76 -12.49 7.34
N ALA A 121 10.45 -13.75 7.64
CA ALA A 121 10.32 -14.16 9.01
C ALA A 121 11.57 -13.77 9.80
N LYS A 122 12.75 -14.11 9.29
CA LYS A 122 14.04 -13.81 9.93
C LYS A 122 14.38 -12.29 9.93
N ALA A 123 13.46 -11.47 9.39
CA ALA A 123 13.71 -10.04 9.26
C ALA A 123 12.75 -9.24 10.13
N GLY A 124 11.95 -9.94 10.92
CA GLY A 124 11.07 -9.26 11.86
C GLY A 124 9.64 -9.13 11.41
N PHE A 125 9.39 -9.25 10.12
CA PHE A 125 8.05 -9.10 9.58
C PHE A 125 7.12 -9.96 10.38
N THR A 126 6.07 -9.35 10.90
CA THR A 126 5.13 -10.01 11.82
C THR A 126 3.68 -10.05 11.29
N LYS A 127 3.45 -9.50 10.10
CA LYS A 127 2.19 -9.79 9.40
C LYS A 127 2.52 -10.47 8.10
N LEU A 128 1.97 -11.65 7.86
CA LEU A 128 2.29 -12.43 6.65
C LEU A 128 1.03 -12.79 5.87
N HIS A 129 0.90 -12.20 4.70
CA HIS A 129 -0.24 -12.53 3.86
C HIS A 129 0.15 -13.62 2.86
N LEU A 130 -0.55 -14.74 2.96
CA LEU A 130 -0.18 -15.90 2.18
C LEU A 130 -1.16 -16.07 1.04
N ASP A 131 -0.73 -15.63 -0.13
CA ASP A 131 -1.55 -15.73 -1.32
C ASP A 131 -0.88 -16.66 -2.30
N THR A 132 -1.43 -17.86 -2.42
CA THR A 132 -0.88 -18.92 -3.24
C THR A 132 -1.85 -19.31 -4.36
N SER A 133 -2.76 -18.42 -4.71
CA SER A 133 -3.91 -18.80 -5.51
C SER A 133 -3.66 -18.77 -7.01
N GLY A 135 -1.84 -19.57 -10.61
CA GLY A 135 -1.20 -20.68 -11.26
C GLY A 135 0.21 -20.34 -11.63
N CYS A 136 1.03 -21.36 -11.74
CA CYS A 136 2.41 -21.23 -12.09
C CYS A 136 2.44 -21.97 -13.36
N ALA A 137 3.03 -21.43 -14.40
CA ALA A 137 2.81 -22.02 -15.67
C ALA A 137 3.32 -23.40 -15.89
N GLY A 138 2.50 -24.20 -16.57
CA GLY A 138 1.18 -23.71 -16.85
C GLY A 138 0.11 -24.50 -16.16
N GLU A 139 -0.66 -23.78 -15.37
CA GLU A 139 -1.74 -24.30 -14.60
C GLU A 139 -2.74 -23.23 -14.72
N PRO A 140 -3.98 -23.58 -14.53
CA PRO A 140 -5.03 -22.62 -14.74
C PRO A 140 -4.75 -21.44 -13.89
N THR A 141 -5.00 -20.27 -14.43
CA THR A 141 -4.70 -18.97 -13.82
C THR A 141 -5.04 -18.87 -12.33
N ALA A 142 -6.21 -19.36 -11.98
CA ALA A 142 -6.63 -19.42 -10.63
C ALA A 142 -6.63 -20.87 -10.33
N LEU A 143 -5.86 -21.23 -9.33
CA LEU A 143 -5.79 -22.57 -8.80
C LEU A 143 -7.02 -22.96 -8.06
N PRO A 144 -7.30 -24.23 -8.09
CA PRO A 144 -8.38 -24.86 -7.34
C PRO A 144 -8.05 -24.77 -5.89
N ASP A 145 -9.06 -24.73 -5.06
CA ASP A 145 -8.92 -24.33 -3.71
C ASP A 145 -7.97 -25.20 -2.91
N ALA A 146 -7.99 -26.51 -3.07
CA ALA A 146 -7.11 -27.34 -2.30
C ALA A 146 -5.65 -27.06 -2.59
N THR A 147 -5.32 -26.87 -3.84
CA THR A 147 -3.95 -26.57 -4.18
C THR A 147 -3.48 -25.24 -3.61
N THR A 148 -4.28 -24.23 -3.83
CA THR A 148 -4.12 -22.94 -3.21
C THR A 148 -3.80 -23.15 -1.74
N ALA A 149 -4.57 -23.97 -1.03
CA ALA A 149 -4.45 -24.02 0.42
C ALA A 149 -3.26 -24.86 0.87
N ALA A 150 -3.04 -26.00 0.21
CA ALA A 150 -1.89 -26.81 0.52
C ALA A 150 -0.56 -26.05 0.35
N ARG A 151 -0.53 -25.09 -0.58
CA ARG A 151 0.65 -24.26 -0.78
C ARG A 151 0.70 -23.17 0.28
N ALA A 152 -0.46 -22.67 0.69
CA ALA A 152 -0.48 -21.63 1.71
C ALA A 152 0.11 -22.23 2.97
N ALA A 153 -0.34 -23.44 3.27
CA ALA A 153 0.13 -24.21 4.42
C ALA A 153 1.62 -24.54 4.40
N ARG A 154 2.17 -24.86 3.24
CA ARG A 154 3.58 -25.10 3.22
C ARG A 154 4.28 -23.86 3.70
N LEU A 155 3.88 -22.70 3.20
CA LEU A 155 4.60 -21.46 3.54
C LEU A 155 4.42 -21.10 5.03
N ALA A 156 3.25 -21.38 5.57
CA ALA A 156 3.02 -21.25 6.98
C ALA A 156 4.06 -22.04 7.79
N ALA A 157 4.31 -23.28 7.38
CA ALA A 157 5.14 -24.21 8.12
C ALA A 157 6.60 -23.97 7.90
N VAL A 158 6.95 -23.17 6.89
CA VAL A 158 8.34 -22.84 6.68
C VAL A 158 8.55 -21.60 7.49
N ALA A 159 7.47 -20.83 7.63
CA ALA A 159 7.50 -19.58 8.38
C ALA A 159 7.83 -19.90 9.81
N GLU A 160 7.00 -20.76 10.41
CA GLU A 160 7.18 -21.22 11.80
C GLU A 160 8.57 -21.77 12.06
N ASP A 161 9.08 -22.60 11.16
CA ASP A 161 10.37 -23.23 11.41
C ASP A 161 11.44 -22.17 11.59
N ALA A 162 11.34 -21.11 10.81
CA ALA A 162 12.30 -20.05 10.82
C ALA A 162 12.13 -19.14 12.02
N VAL A 163 11.16 -19.45 12.90
CA VAL A 163 10.71 -18.58 14.02
C VAL A 163 9.63 -19.27 14.90
N LEU A 170 5.17 -15.37 17.26
CA LEU A 170 5.04 -13.94 16.83
C LEU A 170 4.19 -13.62 15.56
N PRO A 171 4.43 -14.29 14.39
CA PRO A 171 3.65 -13.86 13.23
C PRO A 171 2.14 -14.09 13.28
N VAL A 172 1.41 -13.19 12.66
CA VAL A 172 0.02 -13.46 12.33
C VAL A 172 -0.08 -13.70 10.83
N TYR A 173 -1.20 -14.22 10.38
CA TYR A 173 -1.35 -14.58 8.94
C TYR A 173 -2.64 -14.08 8.36
N ILE A 174 -2.58 -13.68 7.09
CA ILE A 174 -3.81 -13.46 6.38
C ILE A 174 -3.90 -14.35 5.15
N ILE A 175 -5.09 -14.84 4.85
CA ILE A 175 -5.29 -15.74 3.74
C ILE A 175 -6.26 -15.17 2.73
N GLY A 176 -6.23 -15.66 1.50
CA GLY A 176 -7.12 -15.16 0.48
C GLY A 176 -6.49 -14.19 -0.49
N THR A 177 -7.31 -13.69 -1.41
CA THR A 177 -6.80 -13.05 -2.60
C THR A 177 -7.81 -12.05 -3.17
N GLU A 178 -7.34 -11.14 -4.02
CA GLU A 178 -8.25 -10.29 -4.82
C GLU A 178 -7.64 -9.92 -6.17
N LEU A 192 -16.93 -4.53 -10.53
CA LEU A 192 -18.24 -4.42 -9.89
C LEU A 192 -18.40 -5.51 -8.76
N GLU A 193 -17.33 -6.34 -8.59
CA GLU A 193 -17.29 -7.58 -7.73
C GLU A 193 -17.53 -7.44 -6.21
N VAL A 194 -18.24 -8.39 -5.61
CA VAL A 194 -18.30 -8.53 -4.12
C VAL A 194 -18.13 -9.98 -3.71
N THR A 195 -17.57 -10.26 -2.55
CA THR A 195 -17.24 -11.65 -2.20
C THR A 195 -18.49 -12.42 -1.74
N ALA A 196 -18.67 -13.60 -2.32
CA ALA A 196 -19.77 -14.46 -1.88
C ALA A 196 -19.49 -14.95 -0.46
N PRO A 197 -20.46 -14.78 0.45
CA PRO A 197 -20.26 -15.12 1.89
C PRO A 197 -19.91 -16.58 2.05
N GLU A 198 -20.50 -17.41 1.19
CA GLU A 198 -20.23 -18.84 1.21
C GLU A 198 -18.71 -19.09 1.04
N ALA A 199 -18.13 -18.53 -0.02
CA ALA A 199 -16.68 -18.64 -0.35
C ALA A 199 -15.74 -18.12 0.72
N ALA A 200 -16.14 -17.08 1.43
CA ALA A 200 -15.37 -16.60 2.55
C ALA A 200 -15.18 -17.72 3.58
N ILE A 201 -16.27 -18.34 4.06
CA ILE A 201 -16.12 -19.47 5.00
C ILE A 201 -15.40 -20.66 4.38
N GLU A 202 -15.73 -21.00 3.13
CA GLU A 202 -15.10 -22.16 2.48
C GLU A 202 -13.60 -22.04 2.42
N THR A 203 -13.12 -20.82 2.19
CA THR A 203 -11.71 -20.56 2.05
C THR A 203 -11.06 -20.93 3.37
N VAL A 204 -11.67 -20.48 4.46
CA VAL A 204 -11.14 -20.80 5.77
C VAL A 204 -11.37 -22.27 6.14
N ARG A 205 -12.43 -22.89 5.67
CA ARG A 205 -12.54 -24.33 5.90
C ARG A 205 -11.31 -24.98 5.25
N VAL A 206 -11.17 -24.82 3.95
CA VAL A 206 -10.15 -25.55 3.22
C VAL A 206 -8.73 -25.23 3.68
N HIS A 207 -8.48 -24.01 4.12
CA HIS A 207 -7.12 -23.69 4.58
C HIS A 207 -6.84 -24.41 5.90
N ARG A 208 -7.85 -24.39 6.76
CA ARG A 208 -7.83 -25.07 8.05
C ARG A 208 -7.40 -26.52 7.89
N ALA A 209 -8.16 -27.26 7.08
CA ALA A 209 -7.92 -28.67 6.80
C ALA A 209 -6.49 -28.88 6.33
N ALA A 210 -6.11 -28.10 5.33
CA ALA A 210 -4.78 -28.15 4.73
C ALA A 210 -3.66 -27.76 5.69
N PHE A 211 -3.98 -26.98 6.72
CA PHE A 211 -2.97 -26.62 7.75
C PHE A 211 -2.66 -27.69 8.76
N GLU A 212 -3.66 -28.45 9.12
CA GLU A 212 -3.53 -29.64 9.88
C GLU A 212 -2.86 -30.77 9.10
N GLU A 213 -3.18 -30.92 7.84
CA GLU A 213 -2.65 -32.00 7.02
C GLU A 213 -1.20 -31.76 7.02
N ALA A 214 -0.90 -30.49 6.97
CA ALA A 214 0.40 -29.89 7.05
C ALA A 214 1.13 -30.12 8.37
N GLY A 215 0.43 -30.16 9.50
CA GLY A 215 0.92 -29.91 10.84
C GLY A 215 1.50 -28.56 11.18
N ALA A 216 0.80 -27.61 10.59
CA ALA A 216 0.92 -26.19 10.76
C ALA A 216 -0.14 -25.60 11.68
N ALA A 217 -0.86 -26.41 12.41
CA ALA A 217 -2.11 -26.05 13.03
C ALA A 217 -1.87 -24.92 13.97
N GLY A 218 -0.74 -24.94 14.64
CA GLY A 218 -0.35 -23.84 15.49
C GLY A 218 -0.26 -22.52 14.76
N ALA A 219 0.23 -22.44 13.54
CA ALA A 219 0.19 -21.18 12.82
C ALA A 219 -1.25 -20.80 12.49
N PHE A 220 -2.08 -21.78 12.12
CA PHE A 220 -3.44 -21.47 11.72
C PHE A 220 -4.24 -20.74 12.77
N SER A 221 -3.89 -20.95 14.04
CA SER A 221 -4.59 -20.27 15.13
C SER A 221 -4.25 -18.77 15.13
N ARG A 222 -3.08 -18.44 14.55
CA ARG A 222 -2.63 -17.07 14.41
C ARG A 222 -2.99 -16.49 13.06
N VAL A 223 -3.94 -17.13 12.36
CA VAL A 223 -4.48 -16.55 11.16
C VAL A 223 -5.56 -15.59 11.60
N VAL A 224 -5.33 -14.31 11.36
CA VAL A 224 -6.18 -13.29 11.95
C VAL A 224 -7.11 -12.64 10.96
N GLY A 225 -7.04 -13.05 9.69
CA GLY A 225 -7.90 -12.44 8.69
C GLY A 225 -7.83 -12.97 7.30
N ALA A 226 -8.84 -12.64 6.49
CA ALA A 226 -8.82 -13.01 5.08
C ALA A 226 -9.04 -11.80 4.15
N VAL A 227 -8.44 -11.84 2.95
CA VAL A 227 -8.71 -10.82 1.93
C VAL A 227 -10.04 -11.06 1.21
N VAL A 228 -10.91 -10.04 1.21
CA VAL A 228 -12.22 -10.22 0.61
C VAL A 228 -12.62 -8.95 -0.10
N GLN A 229 -13.43 -9.08 -1.15
CA GLN A 229 -13.77 -7.92 -1.94
C GLN A 229 -15.12 -7.41 -1.45
N PRO A 230 -15.10 -6.43 -0.55
CA PRO A 230 -16.31 -5.89 0.07
C PRO A 230 -17.14 -4.98 -0.86
N GLY A 231 -16.66 -4.78 -2.09
CA GLY A 231 -17.29 -3.92 -3.09
C GLY A 231 -16.77 -2.49 -2.96
N VAL A 232 -15.46 -2.31 -3.18
CA VAL A 232 -14.88 -1.00 -3.44
C VAL A 232 -14.00 -1.20 -4.64
N GLU A 233 -14.21 -0.40 -5.69
CA GLU A 233 -13.28 -0.34 -6.82
C GLU A 233 -12.84 1.13 -6.94
N PHE A 234 -11.78 1.40 -7.69
CA PHE A 234 -11.53 2.76 -8.25
C PHE A 234 -10.94 2.67 -9.66
N GLY A 235 -11.33 3.59 -10.54
CA GLY A 235 -10.85 3.58 -11.94
C GLY A 235 -9.81 4.65 -12.18
N ASN A 236 -9.55 5.01 -13.43
CA ASN A 236 -8.73 6.21 -13.70
C ASN A 236 -9.30 7.46 -13.07
N GLU A 237 -10.58 7.73 -13.34
CA GLU A 237 -11.17 9.00 -12.92
C GLU A 237 -12.47 8.92 -12.15
N ASN A 238 -12.77 7.75 -11.59
CA ASN A 238 -13.99 7.59 -10.81
C ASN A 238 -13.83 6.53 -9.71
N VAL A 239 -14.46 6.78 -8.56
CA VAL A 239 -14.45 5.88 -7.39
C VAL A 239 -15.84 5.25 -7.20
N ILE A 240 -15.87 3.97 -6.83
CA ILE A 240 -17.12 3.31 -6.42
C ILE A 240 -17.09 3.24 -4.91
N ALA A 241 -18.08 3.83 -4.27
CA ALA A 241 -18.17 3.83 -2.81
C ALA A 241 -18.70 2.51 -2.22
N TYR A 242 -18.23 2.19 -1.02
CA TYR A 242 -18.69 1.04 -0.23
C TYR A 242 -20.18 1.07 0.07
N ASP A 243 -20.91 0.10 -0.49
CA ASP A 243 -22.32 -0.02 -0.22
C ASP A 243 -22.53 -1.00 0.93
N ARG A 244 -22.97 -0.44 2.06
CA ARG A 244 -23.16 -1.17 3.31
C ARG A 244 -24.22 -2.27 3.13
N ALA A 245 -25.25 -1.96 2.35
CA ALA A 245 -26.25 -2.96 1.97
C ALA A 245 -25.62 -4.13 1.22
N ARG A 246 -24.97 -3.87 0.09
CA ARG A 246 -24.39 -4.95 -0.75
C ARG A 246 -23.42 -5.93 -0.01
N ALA A 247 -22.87 -5.50 1.12
CA ALA A 247 -21.97 -6.33 1.90
C ALA A 247 -22.45 -6.58 3.34
N GLU A 248 -23.67 -7.08 3.49
CA GLU A 248 -24.17 -7.42 4.83
C GLU A 248 -24.05 -8.91 5.04
N LYS A 249 -24.49 -9.65 4.03
CA LYS A 249 -24.35 -11.09 3.95
C LYS A 249 -22.86 -11.49 4.07
N LEU A 250 -21.99 -10.79 3.36
CA LEU A 250 -20.56 -10.96 3.57
C LEU A 250 -20.17 -10.57 5.00
N SER A 251 -20.54 -9.39 5.44
CA SER A 251 -20.07 -8.93 6.73
C SER A 251 -20.43 -9.89 7.86
N ALA A 252 -21.58 -10.58 7.75
CA ALA A 252 -22.13 -11.43 8.85
C ALA A 252 -21.38 -12.76 9.01
N THR A 253 -20.88 -13.28 7.89
CA THR A 253 -20.01 -14.45 7.87
C THR A 253 -18.92 -14.36 8.94
N LEU A 254 -18.63 -13.14 9.36
CA LEU A 254 -17.62 -12.87 10.37
C LEU A 254 -17.99 -13.38 11.76
N GLY A 255 -19.24 -13.86 11.93
CA GLY A 255 -19.68 -14.50 13.18
C GLY A 255 -19.26 -15.96 13.35
N GLN A 256 -19.10 -16.65 12.21
CA GLN A 256 -18.60 -18.03 12.13
C GLN A 256 -17.09 -18.06 12.19
N LEU A 257 -16.47 -16.96 11.79
CA LEU A 257 -15.03 -16.84 11.88
C LEU A 257 -14.62 -16.20 13.19
N HIS A 258 -14.11 -17.01 14.12
CA HIS A 258 -13.72 -16.48 15.42
C HIS A 258 -12.26 -16.09 15.41
N GLY A 259 -11.96 -14.96 16.06
CA GLY A 259 -10.60 -14.40 16.11
C GLY A 259 -10.09 -14.03 14.73
N VAL A 261 -10.75 -11.07 11.41
CA VAL A 261 -11.39 -9.93 10.78
C VAL A 261 -11.20 -10.03 9.28
N PHE A 262 -11.84 -9.14 8.51
CA PHE A 262 -11.48 -8.98 7.08
C PHE A 262 -10.42 -7.92 6.79
N GLU A 263 -9.42 -8.30 5.99
CA GLU A 263 -8.57 -7.34 5.31
C GLU A 263 -9.23 -6.92 4.02
N ALA A 264 -9.26 -5.60 3.80
CA ALA A 264 -9.77 -5.06 2.54
C ALA A 264 -8.71 -4.28 1.76
N HIS A 265 -8.57 -4.62 0.48
CA HIS A 265 -7.62 -3.92 -0.38
C HIS A 265 -8.37 -2.89 -1.21
N SER A 266 -7.67 -1.84 -1.64
CA SER A 266 -8.23 -0.82 -2.53
C SER A 266 -9.28 0.05 -1.85
N THR A 267 -9.03 0.39 -0.60
CA THR A 267 -9.86 1.35 0.12
C THR A 267 -9.46 2.74 -0.29
N ASP A 268 -8.41 2.83 -1.12
CA ASP A 268 -7.90 4.11 -1.63
C ASP A 268 -9.00 4.99 -2.16
N TYR A 269 -8.89 6.28 -1.84
CA TYR A 269 -9.80 7.34 -2.31
C TYR A 269 -11.20 7.22 -1.78
N GLN A 270 -11.44 6.34 -0.82
CA GLN A 270 -12.82 6.21 -0.32
C GLN A 270 -13.15 7.41 0.61
N THR A 271 -14.42 7.78 0.73
CA THR A 271 -14.81 8.89 1.62
C THR A 271 -14.68 8.53 3.10
N PRO A 272 -14.09 9.43 3.93
CA PRO A 272 -13.96 9.21 5.37
C PRO A 272 -15.14 8.45 5.97
N ASP A 273 -16.33 8.70 5.44
CA ASP A 273 -17.56 8.07 5.88
C ASP A 273 -17.52 6.58 5.55
N ALA A 274 -17.41 6.26 4.25
CA ALA A 274 -17.16 4.91 3.78
C ALA A 274 -16.08 4.23 4.66
N LEU A 275 -14.94 4.90 4.81
CA LEU A 275 -13.88 4.37 5.63
C LEU A 275 -14.33 3.92 7.03
N ARG A 276 -15.30 4.61 7.62
CA ARG A 276 -15.72 4.36 9.00
C ARG A 276 -16.66 3.16 9.03
N GLU A 277 -17.55 3.14 8.04
CA GLU A 277 -18.46 2.03 7.89
C GLU A 277 -17.68 0.73 7.61
N LEU A 278 -16.64 0.81 6.79
CA LEU A 278 -15.90 -0.41 6.49
C LEU A 278 -15.41 -1.08 7.77
N VAL A 279 -14.91 -0.25 8.70
CA VAL A 279 -14.32 -0.75 9.94
C VAL A 279 -15.38 -1.35 10.83
N ALA A 280 -16.37 -0.54 11.21
CA ALA A 280 -17.57 -1.02 11.87
C ALA A 280 -18.02 -2.41 11.36
N ASP A 281 -18.20 -2.55 10.03
CA ASP A 281 -18.66 -3.85 9.47
C ASP A 281 -17.59 -4.94 9.40
N GLY A 282 -16.45 -4.67 10.01
CA GLY A 282 -15.43 -5.68 10.18
C GLY A 282 -14.41 -5.88 9.06
N PHE A 283 -14.44 -5.01 8.06
CA PHE A 283 -13.33 -4.93 7.14
C PHE A 283 -12.38 -4.08 7.93
N ALA A 284 -11.64 -4.71 8.82
CA ALA A 284 -10.97 -4.01 9.91
C ALA A 284 -9.55 -3.67 9.59
N ILE A 285 -8.99 -4.31 8.57
CA ILE A 285 -7.67 -3.95 8.09
C ILE A 285 -7.89 -3.36 6.72
N LEU A 286 -7.39 -2.13 6.59
CA LEU A 286 -7.64 -1.26 5.45
C LEU A 286 -6.32 -1.00 4.77
N LYS A 287 -6.15 -1.50 3.57
CA LYS A 287 -4.92 -1.23 2.89
C LYS A 287 -5.02 -0.02 2.00
N VAL A 288 -4.18 0.95 2.23
CA VAL A 288 -4.14 2.08 1.36
C VAL A 288 -2.73 2.15 0.94
N GLY A 289 -2.52 2.48 -0.32
CA GLY A 289 -1.23 2.80 -0.85
C GLY A 289 -1.27 3.95 -1.81
N PRO A 290 -1.94 3.75 -2.91
CA PRO A 290 -1.99 4.66 -4.03
C PRO A 290 -2.58 5.97 -3.67
N GLY A 291 -3.55 5.96 -2.83
CA GLY A 291 -4.10 7.18 -2.37
C GLY A 291 -3.05 8.00 -1.67
N LEU A 292 -1.96 7.43 -1.22
CA LEU A 292 -1.10 8.15 -0.33
C LEU A 292 -0.06 8.82 -1.11
N THR A 293 0.37 8.18 -2.17
CA THR A 293 1.35 8.76 -3.10
C THR A 293 0.67 9.61 -4.16
N PHE A 294 -0.60 9.31 -4.41
CA PHE A 294 -1.40 10.19 -5.23
C PHE A 294 -1.37 11.61 -4.60
N ALA A 295 -1.75 11.76 -3.34
CA ALA A 295 -1.70 13.05 -2.65
C ALA A 295 -0.28 13.69 -2.63
N LEU A 296 0.74 12.85 -2.35
CA LEU A 296 2.11 13.30 -2.35
C LEU A 296 2.41 13.98 -3.67
N ARG A 297 2.16 13.27 -4.78
CA ARG A 297 2.26 13.84 -6.13
C ARG A 297 1.56 15.20 -6.28
N GLU A 298 0.30 15.34 -5.85
CA GLU A 298 -0.35 16.65 -5.99
C GLU A 298 0.45 17.72 -5.29
N ALA A 299 0.92 17.44 -4.08
CA ALA A 299 1.70 18.41 -3.32
C ALA A 299 2.97 18.77 -4.08
N LEU A 300 3.68 17.76 -4.55
CA LEU A 300 4.91 18.01 -5.27
C LEU A 300 4.61 18.81 -6.54
N TYR A 301 3.51 18.53 -7.22
CA TYR A 301 3.16 19.28 -8.44
C TYR A 301 2.71 20.71 -8.16
N GLY A 302 1.88 20.91 -7.13
CA GLY A 302 1.69 22.25 -6.52
C GLY A 302 2.99 23.01 -6.24
N LEU A 303 3.88 22.36 -5.49
CA LEU A 303 5.20 22.94 -5.20
C LEU A 303 5.99 23.20 -6.47
N ASP A 304 5.86 22.30 -7.43
CA ASP A 304 6.47 22.52 -8.72
C ASP A 304 5.99 23.84 -9.30
N GLN A 305 4.67 24.10 -9.29
CA GLN A 305 4.15 25.33 -9.92
C GLN A 305 4.44 26.60 -9.10
N ILE A 306 4.45 26.47 -7.78
CA ILE A 306 4.88 27.59 -6.96
C ILE A 306 6.34 27.98 -7.30
N ALA A 307 7.18 26.99 -7.44
CA ALA A 307 8.58 27.22 -7.74
C ALA A 307 8.74 27.82 -9.14
N ALA A 308 7.88 27.42 -10.07
CA ALA A 308 8.06 27.85 -11.45
C ALA A 308 7.65 29.31 -11.60
N PHE A 309 6.81 29.75 -10.65
CA PHE A 309 6.30 31.11 -10.59
C PHE A 309 7.31 31.96 -9.83
N LEU A 310 7.55 31.66 -8.56
CA LEU A 310 8.46 32.43 -7.76
C LEU A 310 9.79 32.59 -8.47
N PHE A 311 10.30 31.47 -8.98
CA PHE A 311 11.70 31.40 -9.47
C PHE A 311 11.88 30.88 -10.86
N PRO A 312 11.23 31.50 -11.84
CA PRO A 312 11.16 30.83 -13.16
C PRO A 312 12.53 30.54 -13.78
N ALA A 313 13.58 31.21 -13.31
CA ALA A 313 14.87 31.11 -13.98
C ALA A 313 15.64 29.90 -13.52
N ALA A 314 15.43 29.52 -12.27
CA ALA A 314 16.36 28.66 -11.56
C ALA A 314 16.30 27.18 -11.96
N ARG A 315 15.56 26.88 -13.03
CA ARG A 315 15.33 25.48 -13.42
C ARG A 315 15.35 25.15 -14.92
N GLU A 316 16.39 24.42 -15.33
CA GLU A 316 16.50 23.86 -16.69
C GLU A 316 15.11 23.36 -17.07
N ARG A 317 14.55 22.47 -16.26
CA ARG A 317 13.23 21.86 -16.52
C ARG A 317 12.35 21.67 -15.27
N THR A 318 11.05 21.56 -15.57
CA THR A 318 9.94 21.49 -14.60
C THR A 318 9.84 20.10 -13.91
N LEU A 319 9.33 19.97 -12.68
CA LEU A 319 9.29 18.61 -12.14
C LEU A 319 8.36 17.73 -13.00
N ALA A 320 7.17 18.25 -13.28
CA ALA A 320 6.29 17.65 -14.30
C ALA A 320 6.91 17.48 -15.70
N GLU A 321 7.74 18.38 -16.17
CA GLU A 321 8.34 18.11 -17.46
C GLU A 321 9.19 16.84 -17.41
N VAL A 322 10.04 16.74 -16.41
CA VAL A 322 10.87 15.59 -16.20
C VAL A 322 10.08 14.36 -15.90
N THR A 323 9.06 14.46 -15.10
CA THR A 323 8.28 13.27 -14.82
C THR A 323 7.66 12.71 -16.08
N GLU A 324 7.16 13.56 -16.93
CA GLU A 324 6.61 13.10 -18.16
C GLU A 324 7.62 12.42 -19.02
N ALA A 325 8.81 12.98 -19.12
CA ALA A 325 9.82 12.48 -20.00
C ALA A 325 10.29 11.10 -19.63
N VAL A 326 10.50 10.90 -18.35
CA VAL A 326 10.88 9.64 -17.76
C VAL A 326 9.89 8.51 -17.89
N ARG A 328 7.78 8.45 -20.25
CA ARG A 328 7.57 8.25 -21.69
C ARG A 328 8.69 7.38 -22.26
N GLU A 329 9.82 7.42 -21.56
CA GLU A 329 11.03 6.72 -21.93
C GLU A 329 11.00 5.29 -21.42
N GLU A 330 10.32 5.05 -20.31
CA GLU A 330 10.36 3.75 -19.66
C GLU A 330 8.96 3.35 -19.24
N PRO A 331 8.11 3.04 -20.24
CA PRO A 331 6.67 2.79 -20.11
C PRO A 331 6.25 1.53 -19.34
N ALA A 332 7.18 0.61 -19.11
CA ALA A 332 6.83 -0.71 -18.53
C ALA A 332 5.76 -0.64 -17.42
N ASN A 333 5.96 0.29 -16.49
CA ASN A 333 5.16 0.40 -15.27
C ASN A 333 3.84 1.09 -15.42
N TRP A 334 3.64 1.77 -16.54
CA TRP A 334 2.31 2.33 -16.84
C TRP A 334 1.64 1.74 -18.08
N ALA A 335 2.37 0.96 -18.88
CA ALA A 335 1.91 0.67 -20.25
C ALA A 335 0.59 -0.13 -20.31
N LYS A 336 0.47 -1.07 -19.36
CA LYS A 336 -0.68 -1.95 -19.26
C LYS A 336 -1.90 -1.22 -18.71
N TYR A 337 -1.71 -0.01 -18.19
CA TYR A 337 -2.76 0.64 -17.40
C TYR A 337 -3.45 1.76 -18.11
N TYR A 338 -2.76 2.47 -18.98
CA TYR A 338 -3.36 3.65 -19.59
C TYR A 338 -3.46 3.48 -21.10
N HIS A 339 -4.69 3.58 -21.60
CA HIS A 339 -4.97 3.18 -22.97
C HIS A 339 -5.66 4.29 -23.75
N GLY A 340 -5.65 4.22 -25.06
CA GLY A 340 -6.34 5.22 -25.87
C GLY A 340 -5.40 6.15 -26.60
N SER A 341 -5.89 7.33 -26.93
CA SER A 341 -5.11 8.32 -27.67
C SER A 341 -3.93 8.80 -26.86
N ALA A 342 -2.95 9.37 -27.56
CA ALA A 342 -1.74 9.96 -26.96
C ALA A 342 -2.07 11.01 -25.89
N GLU A 343 -3.05 11.88 -26.19
CA GLU A 343 -3.60 12.88 -25.23
C GLU A 343 -4.36 12.23 -24.01
N GLU A 344 -5.07 11.13 -24.24
CA GLU A 344 -5.64 10.39 -23.11
C GLU A 344 -4.57 9.74 -22.21
N GLN A 345 -3.47 9.27 -22.81
CA GLN A 345 -2.38 8.68 -22.05
C GLN A 345 -1.61 9.72 -21.25
N ARG A 346 -1.44 10.91 -21.79
CA ARG A 346 -0.79 12.01 -21.08
C ARG A 346 -1.58 12.36 -19.80
N LEU A 347 -2.82 12.79 -19.95
CA LEU A 347 -3.66 13.05 -18.81
C LEU A 347 -3.43 12.00 -17.72
N GLN A 348 -3.48 10.74 -18.09
CA GLN A 348 -3.42 9.67 -17.13
C GLN A 348 -2.07 9.36 -16.54
N ARG A 349 -1.00 9.68 -17.26
CA ARG A 349 0.32 9.50 -16.70
C ARG A 349 0.47 10.31 -15.40
N HIS A 350 -0.20 11.47 -15.35
CA HIS A 350 -0.08 12.38 -14.20
C HIS A 350 -1.27 12.30 -13.25
N PHE A 351 -2.45 12.07 -13.82
CA PHE A 351 -3.65 12.37 -13.04
C PHE A 351 -4.48 11.21 -12.58
N SER A 352 -4.25 10.04 -13.15
CA SER A 352 -5.13 8.94 -12.86
C SER A 352 -4.94 8.44 -11.45
N TYR A 353 -6.05 7.99 -10.88
CA TYR A 353 -6.12 7.32 -9.58
C TYR A 353 -5.30 6.04 -9.48
N SER A 354 -4.96 5.40 -10.62
CA SER A 354 -4.09 4.19 -10.58
C SER A 354 -2.68 4.56 -10.13
N ASP A 355 -2.29 5.82 -10.39
CA ASP A 355 -1.14 6.39 -9.73
C ASP A 355 0.14 5.60 -10.09
N ARG A 356 0.26 5.19 -11.35
CA ARG A 356 1.41 4.36 -11.69
C ARG A 356 2.64 5.21 -11.57
N ILE A 357 2.49 6.53 -11.66
CA ILE A 357 3.65 7.43 -11.54
C ILE A 357 4.49 7.10 -10.30
N ARG A 358 3.91 6.39 -9.33
CA ARG A 358 4.59 6.09 -8.08
C ARG A 358 5.83 5.18 -8.22
N TYR A 359 5.91 4.47 -9.34
CA TYR A 359 7.03 3.59 -9.58
C TYR A 359 8.23 4.38 -10.12
N TYR A 360 8.00 5.64 -10.49
CA TYR A 360 9.04 6.47 -11.09
C TYR A 360 9.70 7.43 -10.11
N TRP A 361 9.11 7.62 -8.94
CA TRP A 361 9.80 8.40 -7.92
C TRP A 361 11.27 7.98 -7.59
N PRO A 362 11.64 6.70 -7.78
CA PRO A 362 13.07 6.27 -7.66
C PRO A 362 13.96 6.40 -8.90
N HIS A 363 13.39 6.62 -10.08
CA HIS A 363 14.26 6.72 -11.22
C HIS A 363 15.18 7.89 -11.01
N PRO A 364 16.51 7.69 -11.19
CA PRO A 364 17.50 8.76 -10.98
C PRO A 364 17.15 10.16 -11.52
N LYS A 365 16.64 10.27 -12.74
CA LYS A 365 16.39 11.60 -13.34
C LYS A 365 15.28 12.33 -12.63
N ALA A 366 14.35 11.54 -12.08
CA ALA A 366 13.17 12.04 -11.37
C ALA A 366 13.41 12.30 -9.89
N ALA A 367 14.22 11.47 -9.23
CA ALA A 367 14.59 11.70 -7.83
C ALA A 367 15.46 12.95 -7.71
N ALA A 368 16.04 13.36 -8.83
CA ALA A 368 17.00 14.43 -8.85
C ALA A 368 16.25 15.71 -9.13
N ALA A 369 15.17 15.59 -9.89
CA ALA A 369 14.29 16.73 -10.11
C ALA A 369 13.58 17.13 -8.79
N VAL A 370 13.06 16.14 -8.08
CA VAL A 370 12.48 16.38 -6.77
C VAL A 370 13.46 17.13 -5.88
N ASP A 371 14.69 16.64 -5.77
CA ASP A 371 15.70 17.30 -4.94
C ASP A 371 16.10 18.67 -5.44
N GLU A 372 16.06 18.89 -6.75
CA GLU A 372 16.29 20.24 -7.23
C GLU A 372 15.18 21.15 -6.67
N LEU A 373 13.95 20.64 -6.68
CA LEU A 373 12.77 21.40 -6.35
C LEU A 373 12.64 21.59 -4.87
N SER A 375 15.02 21.63 -2.70
CA SER A 375 16.14 22.35 -2.16
C SER A 375 16.07 23.79 -2.65
N LEU A 376 15.42 23.99 -3.79
CA LEU A 376 15.17 25.32 -4.26
C LEU A 376 14.11 26.01 -3.40
N LEU A 377 13.34 25.24 -2.62
CA LEU A 377 12.34 25.85 -1.72
C LEU A 377 12.73 25.77 -0.23
N ASP A 378 13.92 25.24 0.04
CA ASP A 378 14.51 25.12 1.38
C ASP A 378 14.65 26.49 2.02
N GLY A 379 14.07 26.64 3.21
CA GLY A 379 14.07 27.91 3.94
C GLY A 379 13.00 28.89 3.50
N VAL A 380 12.50 28.70 2.29
CA VAL A 380 11.58 29.65 1.69
C VAL A 380 10.23 29.54 2.35
N ALA A 381 9.78 30.64 2.94
CA ALA A 381 8.45 30.72 3.50
C ALA A 381 7.46 31.01 2.39
N ILE A 382 6.72 29.99 1.94
CA ILE A 382 5.71 30.20 0.93
C ILE A 382 4.56 31.07 1.47
N PRO A 383 4.20 32.10 0.69
CA PRO A 383 3.03 32.92 1.01
C PRO A 383 1.74 32.09 1.01
N GLU A 384 0.86 32.33 1.98
CA GLU A 384 -0.43 31.62 2.10
C GLU A 384 -1.26 31.66 0.81
N THR A 385 -1.09 32.74 0.07
CA THR A 385 -1.89 33.03 -1.07
C THR A 385 -1.52 32.12 -2.22
N LEU A 386 -0.25 31.70 -2.27
CA LEU A 386 0.16 30.72 -3.28
C LEU A 386 -0.31 29.35 -2.87
N ILE A 387 -0.27 29.14 -1.55
CA ILE A 387 -0.68 27.93 -0.91
C ILE A 387 -2.17 27.77 -1.21
N SER A 388 -2.94 28.85 -1.09
CA SER A 388 -4.38 28.79 -1.33
C SER A 388 -4.75 28.39 -2.76
N GLN A 389 -3.91 28.78 -3.70
CA GLN A 389 -4.09 28.54 -5.12
C GLN A 389 -3.70 27.13 -5.48
N PHE A 390 -2.62 26.64 -4.89
CA PHE A 390 -1.81 25.60 -5.51
C PHE A 390 -1.79 24.33 -4.63
N LEU A 391 -2.15 24.52 -3.36
CA LEU A 391 -2.13 23.48 -2.33
C LEU A 391 -3.28 23.79 -1.43
N ALA A 392 -4.45 23.96 -2.03
CA ALA A 392 -5.63 24.48 -1.33
C ALA A 392 -5.99 23.67 -0.06
N GLY A 393 -5.62 22.38 -0.08
CA GLY A 393 -5.95 21.44 0.99
C GLY A 393 -5.12 21.68 2.22
N SER A 394 -4.03 22.42 2.11
CA SER A 394 -3.29 22.83 3.29
C SER A 394 -3.58 24.24 3.78
N TYR A 395 -4.44 24.96 3.07
CA TYR A 395 -4.74 26.36 3.40
C TYR A 395 -5.32 26.56 4.80
N ALA A 396 -6.49 26.02 5.08
CA ALA A 396 -7.09 26.07 6.41
C ALA A 396 -6.08 25.70 7.50
N ARG A 397 -5.33 24.62 7.30
CA ARG A 397 -4.33 24.23 8.27
C ARG A 397 -3.18 25.24 8.41
N VAL A 398 -2.74 25.83 7.30
CA VAL A 398 -1.76 26.91 7.38
C VAL A 398 -2.30 28.15 8.14
N ARG A 399 -3.58 28.46 7.97
CA ARG A 399 -4.15 29.60 8.68
C ARG A 399 -4.17 29.37 10.19
N ASN A 400 -4.59 28.17 10.61
CA ASN A 400 -4.73 27.81 12.04
C ASN A 400 -3.39 27.56 12.75
N GLY A 401 -2.27 27.72 12.03
CA GLY A 401 -0.95 27.42 12.58
C GLY A 401 -0.50 25.97 12.63
N GLU A 402 -1.40 25.01 12.36
CA GLU A 402 -1.05 23.58 12.39
C GLU A 402 0.11 23.23 11.45
N VAL A 403 0.10 23.72 10.20
CA VAL A 403 1.12 23.33 9.21
C VAL A 403 2.03 24.50 8.91
N ALA A 404 3.32 24.25 8.83
CA ALA A 404 4.23 25.31 8.44
C ALA A 404 4.15 25.54 6.92
N PRO A 405 4.25 26.76 6.46
CA PRO A 405 4.27 27.00 5.04
C PRO A 405 5.61 26.85 4.43
N GLN A 406 6.18 25.67 4.50
CA GLN A 406 7.45 25.36 3.88
C GLN A 406 7.23 24.07 3.10
N ALA A 407 8.02 23.81 2.09
CA ALA A 407 7.70 22.76 1.15
C ALA A 407 7.58 21.32 1.65
N LYS A 408 8.47 20.86 2.48
CA LYS A 408 8.41 19.51 3.07
C LYS A 408 7.24 19.37 4.06
N PRO A 409 7.06 20.38 4.93
CA PRO A 409 5.84 20.31 5.73
C PRO A 409 4.58 20.31 4.88
N LEU A 410 4.58 21.02 3.76
CA LEU A 410 3.39 21.00 2.91
C LEU A 410 3.21 19.65 2.20
N ALA A 411 4.32 18.97 1.92
CA ALA A 411 4.23 17.61 1.40
C ALA A 411 3.72 16.62 2.46
N LEU A 412 4.31 16.55 3.66
CA LEU A 412 3.71 15.72 4.73
C LEU A 412 2.24 16.05 4.97
N ALA A 413 1.93 17.33 4.96
CA ALA A 413 0.58 17.83 5.20
C ALA A 413 -0.40 17.25 4.24
N ALA A 414 0.01 17.10 2.97
CA ALA A 414 -0.83 16.46 1.96
C ALA A 414 -1.06 14.98 2.32
N VAL A 415 0.03 14.23 2.52
CA VAL A 415 -0.10 12.83 2.93
C VAL A 415 -1.04 12.66 4.16
N ASP A 416 -0.73 13.42 5.21
CA ASP A 416 -1.43 13.39 6.49
C ASP A 416 -2.94 13.60 6.34
N ALA A 417 -3.35 14.42 5.38
CA ALA A 417 -4.79 14.60 5.15
C ALA A 417 -5.51 13.27 4.76
N VAL A 418 -4.85 12.44 3.96
CA VAL A 418 -5.39 11.12 3.62
C VAL A 418 -5.35 10.26 4.88
N LEU A 419 -4.17 10.16 5.47
CA LEU A 419 -3.95 9.40 6.72
C LEU A 419 -4.90 9.70 7.87
N GLN A 420 -5.19 10.98 8.11
CA GLN A 420 -6.16 11.37 9.13
C GLN A 420 -7.43 10.53 9.01
N ASP A 421 -7.94 10.33 7.79
CA ASP A 421 -9.23 9.66 7.65
C ASP A 421 -9.15 8.19 8.02
N TYR A 422 -7.99 7.58 7.83
CA TYR A 422 -7.84 6.16 8.12
C TYR A 422 -7.78 5.95 9.62
N PHE A 423 -7.05 6.79 10.33
CA PHE A 423 -7.04 6.65 11.76
C PHE A 423 -8.38 7.05 12.37
N ALA A 424 -9.07 7.98 11.74
CA ALA A 424 -10.38 8.37 12.24
C ALA A 424 -11.32 7.17 12.24
N ALA A 425 -11.17 6.31 11.24
CA ALA A 425 -12.02 5.15 11.17
C ALA A 425 -11.52 4.08 12.14
N CYS A 426 -10.38 4.32 12.77
CA CYS A 426 -9.76 3.39 13.75
C CYS A 426 -9.42 4.06 15.09
#